data_1E5H
#
_entry.id   1E5H
#
_cell.length_a   106.260
_cell.length_b   106.260
_cell.length_c   71.060
_cell.angle_alpha   90.00
_cell.angle_beta   90.00
_cell.angle_gamma   120.00
#
_symmetry.space_group_name_H-M   'H 3'
#
loop_
_entity.id
_entity.type
_entity.pdbx_description
1 polymer 'DEACETOXYCEPHALOSPORIN C SYNTHASE'
2 non-polymer 'FE (II) ION'
3 non-polymer 'SUCCINIC ACID'
4 non-polymer 'CARBON DIOXIDE'
5 water water
#
_entity_poly.entity_id   1
_entity_poly.type   'polypeptide(L)'
_entity_poly.pdbx_seq_one_letter_code
;MDTTVPTFSLAELQQGLHQDEFRRCLRDKGLFYLTDCGLTDTELKSAKDIVIDFFEHGSEAEKRAVTSPVPTMRRGFTGL
ESESTAQITNTGSYSDYSMCYSMGTADNLFPSGDFERIWTQYFDRQYTASRAVAREVLRATGTEPDGGVEAFLDCEPLLR
FRYFPQVPEHRSAEEQPLRMAPHYDLSMVTLIQQTPCANGFVSLQAEVGGAFTDLPYRPDAVLVFCGAIATLVTGGQVKA
PRHHVAAPRRDQIAGSSRTSSVFFLRPNADFTFSVPLARECGFDVSLDGETATFQDWIGGNYVNIRRA
;
_entity_poly.pdbx_strand_id   A
#
loop_
_chem_comp.id
_chem_comp.type
_chem_comp.name
_chem_comp.formula
CO2 non-polymer 'CARBON DIOXIDE' 'C O2'
FE2 non-polymer 'FE (II) ION' 'Fe 2'
SIN non-polymer 'SUCCINIC ACID' 'C4 H6 O4'
#
# COMPACT_ATOMS: atom_id res chain seq x y z
N MET A 1 -0.59 -21.54 -16.72
CA MET A 1 0.27 -20.48 -16.10
C MET A 1 0.57 -20.82 -14.65
N ASP A 2 1.83 -20.61 -14.25
CA ASP A 2 2.25 -20.87 -12.88
C ASP A 2 1.54 -19.85 -12.00
N THR A 3 0.76 -20.32 -11.03
CA THR A 3 0.02 -19.45 -10.13
C THR A 3 0.83 -19.05 -8.91
N THR A 4 2.14 -19.20 -9.01
CA THR A 4 3.03 -18.86 -7.91
C THR A 4 3.22 -17.35 -7.82
N VAL A 5 3.22 -16.83 -6.60
CA VAL A 5 3.45 -15.41 -6.38
C VAL A 5 4.97 -15.26 -6.53
N PRO A 6 5.42 -14.56 -7.58
CA PRO A 6 6.87 -14.42 -7.74
C PRO A 6 7.53 -13.47 -6.74
N THR A 7 8.85 -13.52 -6.71
CA THR A 7 9.67 -12.68 -5.85
C THR A 7 10.69 -11.99 -6.74
N PHE A 8 10.90 -10.71 -6.51
CA PHE A 8 11.86 -9.93 -7.28
C PHE A 8 12.78 -9.16 -6.36
N SER A 9 14.04 -9.02 -6.77
CA SER A 9 15.01 -8.25 -6.02
C SER A 9 14.95 -6.86 -6.62
N LEU A 10 14.69 -5.85 -5.79
CA LEU A 10 14.63 -4.48 -6.29
C LEU A 10 15.95 -4.10 -6.94
N ALA A 11 17.05 -4.52 -6.32
CA ALA A 11 18.38 -4.21 -6.84
C ALA A 11 18.54 -4.78 -8.23
N GLU A 12 18.07 -6.01 -8.42
CA GLU A 12 18.18 -6.66 -9.71
C GLU A 12 17.28 -5.99 -10.73
N LEU A 13 16.12 -5.52 -10.31
CA LEU A 13 15.22 -4.85 -11.25
C LEU A 13 15.88 -3.54 -11.69
N GLN A 14 16.45 -2.81 -10.74
CA GLN A 14 17.11 -1.55 -11.06
C GLN A 14 18.30 -1.80 -11.99
N GLN A 15 18.87 -3.00 -11.94
CA GLN A 15 20.00 -3.37 -12.80
C GLN A 15 19.54 -3.80 -14.19
N GLY A 16 18.23 -3.81 -14.41
CA GLY A 16 17.70 -4.18 -15.71
C GLY A 16 17.51 -5.68 -15.89
N LEU A 17 17.51 -6.44 -14.81
CA LEU A 17 17.32 -7.87 -14.90
C LEU A 17 15.85 -8.29 -14.81
N HIS A 18 15.56 -9.46 -15.37
CA HIS A 18 14.22 -10.03 -15.35
C HIS A 18 13.11 -9.11 -15.85
N GLN A 19 13.39 -8.30 -16.86
CA GLN A 19 12.37 -7.38 -17.36
C GLN A 19 11.16 -8.08 -17.99
N ASP A 20 11.36 -9.15 -18.74
CA ASP A 20 10.24 -9.86 -19.32
C ASP A 20 9.40 -10.48 -18.21
N GLU A 21 10.06 -11.17 -17.29
CA GLU A 21 9.38 -11.81 -16.18
C GLU A 21 8.59 -10.81 -15.32
N PHE A 22 9.17 -9.62 -15.12
CA PHE A 22 8.53 -8.59 -14.32
C PHE A 22 7.28 -8.08 -15.06
N ARG A 23 7.42 -7.82 -16.35
CA ARG A 23 6.28 -7.34 -17.14
C ARG A 23 5.15 -8.36 -17.09
N ARG A 24 5.47 -9.62 -17.34
CA ARG A 24 4.47 -10.68 -17.32
C ARG A 24 3.79 -10.72 -15.95
N CYS A 25 4.58 -10.64 -14.89
CA CYS A 25 4.00 -10.67 -13.53
C CYS A 25 3.00 -9.53 -13.36
N LEU A 26 3.42 -8.31 -13.66
CA LEU A 26 2.55 -7.15 -13.53
C LEU A 26 1.26 -7.31 -14.33
N ARG A 27 1.38 -7.84 -15.53
CA ARG A 27 0.23 -8.03 -16.40
C ARG A 27 -0.69 -9.17 -15.99
N ASP A 28 -0.10 -10.33 -15.68
CA ASP A 28 -0.91 -11.49 -15.33
C ASP A 28 -1.28 -11.65 -13.87
N LYS A 29 -0.50 -11.05 -12.97
CA LYS A 29 -0.76 -11.22 -11.55
C LYS A 29 -0.94 -9.93 -10.75
N GLY A 30 -0.06 -8.95 -10.98
CA GLY A 30 -0.18 -7.69 -10.27
C GLY A 30 0.26 -7.71 -8.82
N LEU A 31 1.01 -8.72 -8.43
CA LEU A 31 1.52 -8.82 -7.07
C LEU A 31 2.80 -9.64 -7.03
N PHE A 32 3.62 -9.41 -6.02
CA PHE A 32 4.89 -10.11 -5.89
C PHE A 32 5.59 -9.69 -4.61
N TYR A 33 6.55 -10.50 -4.17
CA TYR A 33 7.33 -10.19 -2.98
C TYR A 33 8.53 -9.42 -3.51
N LEU A 34 9.01 -8.46 -2.73
CA LEU A 34 10.13 -7.68 -3.16
C LEU A 34 11.24 -7.76 -2.12
N THR A 35 12.42 -8.17 -2.54
CA THR A 35 13.56 -8.30 -1.65
C THR A 35 14.56 -7.16 -1.92
N ASP A 36 15.62 -7.11 -1.12
CA ASP A 36 16.65 -6.09 -1.27
C ASP A 36 16.05 -4.71 -1.54
N CYS A 37 15.10 -4.29 -0.71
CA CYS A 37 14.49 -2.98 -0.90
C CYS A 37 14.63 -2.13 0.35
N GLY A 38 15.60 -2.49 1.20
CA GLY A 38 15.83 -1.75 2.43
C GLY A 38 14.81 -2.03 3.53
N LEU A 39 13.97 -3.04 3.33
CA LEU A 39 12.95 -3.39 4.32
C LEU A 39 13.04 -4.85 4.78
N THR A 40 13.43 -5.05 6.03
CA THR A 40 13.55 -6.39 6.58
C THR A 40 12.82 -6.50 7.91
N ASP A 41 12.88 -7.68 8.51
CA ASP A 41 12.21 -7.95 9.77
C ASP A 41 12.76 -7.04 10.89
N THR A 42 14.06 -6.79 10.86
CA THR A 42 14.69 -5.97 11.87
C THR A 42 13.99 -4.61 12.01
N GLU A 43 13.95 -3.84 10.93
CA GLU A 43 13.31 -2.53 10.94
C GLU A 43 11.88 -2.66 11.42
N LEU A 44 11.14 -3.59 10.84
CA LEU A 44 9.76 -3.81 11.23
C LEU A 44 9.68 -4.04 12.73
N LYS A 45 10.57 -4.89 13.22
CA LYS A 45 10.63 -5.22 14.65
C LYS A 45 10.73 -3.98 15.53
N SER A 46 11.69 -3.11 15.22
CA SER A 46 11.90 -1.90 16.00
C SER A 46 10.64 -1.05 16.12
N ALA A 47 9.99 -0.76 14.99
CA ALA A 47 8.77 0.03 14.99
C ALA A 47 7.64 -0.79 15.62
N LYS A 48 7.66 -2.08 15.33
CA LYS A 48 6.69 -3.03 15.84
C LYS A 48 6.62 -2.97 17.37
N ASP A 49 7.76 -3.16 18.02
CA ASP A 49 7.81 -3.14 19.47
C ASP A 49 7.37 -1.84 20.13
N ILE A 50 7.88 -0.71 19.64
CA ILE A 50 7.53 0.57 20.24
C ILE A 50 6.06 0.95 20.07
N VAL A 51 5.41 0.49 19.01
CA VAL A 51 4.01 0.82 18.82
C VAL A 51 3.16 -0.12 19.68
N ILE A 52 3.49 -1.41 19.65
CA ILE A 52 2.77 -2.40 20.44
C ILE A 52 2.79 -1.93 21.89
N ASP A 53 3.97 -1.51 22.32
CA ASP A 53 4.14 -1.01 23.68
C ASP A 53 3.07 0.03 23.96
N PHE A 54 3.03 1.06 23.10
CA PHE A 54 2.06 2.13 23.26
C PHE A 54 0.63 1.58 23.34
N PHE A 55 0.31 0.61 22.49
CA PHE A 55 -1.01 0.02 22.50
C PHE A 55 -1.35 -0.62 23.85
N GLU A 56 -0.42 -1.42 24.37
CA GLU A 56 -0.62 -2.12 25.64
C GLU A 56 -0.39 -1.28 26.89
N HIS A 57 0.75 -0.60 26.95
CA HIS A 57 1.09 0.19 28.13
C HIS A 57 0.80 1.68 28.01
N GLY A 58 0.20 2.09 26.91
CA GLY A 58 -0.12 3.49 26.74
C GLY A 58 -1.41 3.84 27.47
N SER A 59 -1.42 4.95 28.20
CA SER A 59 -2.60 5.36 28.93
C SER A 59 -3.67 5.88 27.98
N GLU A 60 -4.86 6.15 28.51
CA GLU A 60 -5.96 6.68 27.69
C GLU A 60 -5.72 8.15 27.40
N ALA A 61 -4.90 8.79 28.24
CA ALA A 61 -4.57 10.20 28.07
C ALA A 61 -3.54 10.38 26.97
N GLU A 62 -2.46 9.61 27.05
CA GLU A 62 -1.39 9.69 26.04
C GLU A 62 -1.96 9.38 24.67
N LYS A 63 -2.84 8.37 24.62
CA LYS A 63 -3.45 7.96 23.36
C LYS A 63 -4.38 9.06 22.86
N ARG A 64 -4.97 9.80 23.80
CA ARG A 64 -5.88 10.88 23.47
C ARG A 64 -5.17 12.00 22.73
N ALA A 65 -3.99 12.36 23.22
CA ALA A 65 -3.20 13.42 22.62
C ALA A 65 -2.71 13.05 21.21
N VAL A 66 -2.83 11.77 20.84
CA VAL A 66 -2.41 11.33 19.52
C VAL A 66 -3.58 10.76 18.73
N THR A 67 -4.79 11.15 19.12
CA THR A 67 -6.00 10.71 18.44
C THR A 67 -6.65 11.90 17.73
N SER A 68 -6.91 11.76 16.43
CA SER A 68 -7.52 12.83 15.64
C SER A 68 -8.97 13.06 16.07
N PRO A 69 -9.46 14.30 15.94
CA PRO A 69 -10.84 14.64 16.32
C PRO A 69 -11.88 13.86 15.51
N VAL A 70 -11.48 13.41 14.32
CA VAL A 70 -12.36 12.58 13.47
C VAL A 70 -11.65 11.24 13.31
N PRO A 71 -12.39 10.14 13.50
CA PRO A 71 -11.85 8.78 13.38
C PRO A 71 -11.61 8.33 11.93
N THR A 72 -10.77 9.06 11.21
CA THR A 72 -10.47 8.72 9.82
C THR A 72 -9.31 7.74 9.62
N MET A 73 -8.57 7.45 10.69
CA MET A 73 -7.42 6.54 10.59
C MET A 73 -6.35 7.11 9.65
N ARG A 74 -6.38 8.42 9.42
CA ARG A 74 -5.39 9.05 8.55
C ARG A 74 -4.08 9.28 9.28
N ARG A 75 -4.18 9.79 10.50
CA ARG A 75 -3.01 10.07 11.32
C ARG A 75 -3.29 9.71 12.77
N GLY A 76 -2.25 9.30 13.49
CA GLY A 76 -2.40 8.98 14.88
C GLY A 76 -3.04 7.65 15.23
N PHE A 77 -3.48 7.56 16.47
CA PHE A 77 -4.10 6.36 17.04
C PHE A 77 -5.59 6.22 16.70
N THR A 78 -6.00 4.98 16.42
CA THR A 78 -7.38 4.67 16.10
C THR A 78 -7.80 3.37 16.78
N GLY A 79 -9.08 3.27 17.14
CA GLY A 79 -9.59 2.07 17.78
C GLY A 79 -10.86 1.59 17.13
N THR A 91 -19.22 -0.79 27.18
CA THR A 91 -18.84 -2.22 27.06
C THR A 91 -17.67 -2.41 26.10
N GLY A 92 -16.57 -1.72 26.38
CA GLY A 92 -15.39 -1.82 25.54
C GLY A 92 -15.56 -1.13 24.20
N SER A 93 -14.48 -1.10 23.42
CA SER A 93 -14.49 -0.48 22.10
C SER A 93 -14.07 -1.51 21.06
N TYR A 94 -13.63 -1.03 19.89
CA TYR A 94 -13.19 -1.93 18.83
C TYR A 94 -11.68 -2.13 18.84
N SER A 95 -11.01 -1.42 19.75
CA SER A 95 -9.56 -1.57 19.88
C SER A 95 -9.40 -2.97 20.46
N ASP A 96 -10.43 -3.40 21.19
CA ASP A 96 -10.46 -4.72 21.80
C ASP A 96 -10.68 -5.74 20.68
N TYR A 97 -10.62 -5.25 19.45
CA TYR A 97 -10.79 -6.06 18.25
C TYR A 97 -9.59 -5.78 17.34
N SER A 98 -9.05 -4.57 17.47
CA SER A 98 -7.90 -4.15 16.68
C SER A 98 -7.57 -2.68 16.91
N MET A 99 -6.28 -2.39 17.03
CA MET A 99 -5.80 -1.02 17.23
C MET A 99 -5.01 -0.63 15.99
N CYS A 100 -4.98 0.67 15.70
CA CYS A 100 -4.28 1.15 14.51
C CYS A 100 -3.47 2.44 14.73
N TYR A 101 -2.43 2.60 13.93
CA TYR A 101 -1.59 3.79 13.99
C TYR A 101 -1.26 4.18 12.55
N SER A 102 -1.59 5.42 12.18
CA SER A 102 -1.35 5.89 10.83
C SER A 102 -0.43 7.11 10.76
N MET A 103 0.19 7.31 9.60
CA MET A 103 1.05 8.47 9.40
C MET A 103 1.29 8.74 7.92
N GLY A 104 1.75 9.95 7.62
CA GLY A 104 2.02 10.31 6.25
C GLY A 104 3.29 11.14 6.20
N THR A 105 3.42 11.96 5.16
CA THR A 105 4.61 12.80 5.01
C THR A 105 4.62 13.96 5.99
N ALA A 106 3.44 14.38 6.45
CA ALA A 106 3.36 15.49 7.39
C ALA A 106 2.09 15.41 8.26
N ASP A 107 1.97 16.35 9.19
CA ASP A 107 0.83 16.41 10.10
C ASP A 107 0.65 15.11 10.89
N ASN A 108 1.74 14.56 11.37
CA ASN A 108 1.69 13.32 12.13
C ASN A 108 1.50 13.56 13.62
N LEU A 109 1.07 12.51 14.33
CA LEU A 109 0.85 12.58 15.77
C LEU A 109 1.72 11.50 16.42
N PHE A 110 2.77 11.94 17.09
CA PHE A 110 3.71 11.03 17.75
C PHE A 110 3.62 11.12 19.27
N PRO A 111 3.52 9.98 19.95
CA PRO A 111 3.43 10.00 21.41
C PRO A 111 4.69 10.37 22.18
N SER A 112 5.86 10.28 21.55
CA SER A 112 7.10 10.63 22.26
C SER A 112 8.33 10.71 21.36
N GLY A 113 9.47 11.03 21.97
CA GLY A 113 10.71 11.16 21.24
C GLY A 113 11.19 9.91 20.52
N ASP A 114 11.37 8.82 21.28
CA ASP A 114 11.83 7.58 20.66
C ASP A 114 10.86 7.04 19.63
N PHE A 115 9.57 7.28 19.84
CA PHE A 115 8.57 6.81 18.91
C PHE A 115 8.72 7.52 17.57
N GLU A 116 8.78 8.84 17.60
CA GLU A 116 8.92 9.63 16.38
C GLU A 116 10.15 9.25 15.55
N ARG A 117 11.30 9.15 16.22
CA ARG A 117 12.55 8.79 15.56
C ARG A 117 12.45 7.47 14.81
N ILE A 118 11.93 6.46 15.50
CA ILE A 118 11.80 5.14 14.92
C ILE A 118 10.79 5.13 13.78
N TRP A 119 9.62 5.71 14.01
CA TRP A 119 8.58 5.73 12.99
C TRP A 119 8.81 6.64 11.79
N THR A 120 9.54 7.73 11.98
CA THR A 120 9.84 8.63 10.87
C THR A 120 10.79 7.85 9.97
N GLN A 121 11.75 7.18 10.60
CA GLN A 121 12.75 6.38 9.89
C GLN A 121 12.05 5.24 9.13
N TYR A 122 11.13 4.57 9.80
CA TYR A 122 10.39 3.46 9.21
C TYR A 122 9.56 3.91 8.01
N PHE A 123 8.83 5.01 8.19
CA PHE A 123 8.01 5.56 7.13
C PHE A 123 8.88 5.89 5.91
N ASP A 124 9.99 6.59 6.16
CA ASP A 124 10.90 6.99 5.10
C ASP A 124 11.36 5.82 4.26
N ARG A 125 11.69 4.71 4.92
CA ARG A 125 12.15 3.51 4.23
C ARG A 125 11.02 2.91 3.40
N GLN A 126 9.81 2.92 3.96
CA GLN A 126 8.64 2.38 3.26
C GLN A 126 8.33 3.23 2.05
N TYR A 127 8.41 4.54 2.22
CA TYR A 127 8.13 5.47 1.14
C TYR A 127 9.19 5.31 0.05
N THR A 128 10.45 5.26 0.46
CA THR A 128 11.55 5.09 -0.49
C THR A 128 11.38 3.82 -1.32
N ALA A 129 11.09 2.70 -0.64
CA ALA A 129 10.90 1.41 -1.32
C ALA A 129 9.70 1.47 -2.26
N SER A 130 8.60 2.04 -1.78
CA SER A 130 7.39 2.14 -2.58
C SER A 130 7.64 2.91 -3.87
N ARG A 131 8.29 4.07 -3.76
CA ARG A 131 8.56 4.88 -4.95
C ARG A 131 9.50 4.18 -5.90
N ALA A 132 10.50 3.51 -5.35
CA ALA A 132 11.47 2.80 -6.16
C ALA A 132 10.83 1.66 -6.94
N VAL A 133 10.00 0.82 -6.30
CA VAL A 133 9.36 -0.26 -7.03
C VAL A 133 8.35 0.32 -8.02
N ALA A 134 7.64 1.37 -7.60
CA ALA A 134 6.67 2.01 -8.49
C ALA A 134 7.43 2.54 -9.71
N ARG A 135 8.65 3.02 -9.48
CA ARG A 135 9.49 3.56 -10.55
C ARG A 135 9.80 2.45 -11.55
N GLU A 136 10.05 1.24 -11.04
CA GLU A 136 10.35 0.10 -11.91
C GLU A 136 9.11 -0.35 -12.67
N VAL A 137 7.96 -0.21 -12.05
CA VAL A 137 6.69 -0.59 -12.68
C VAL A 137 6.46 0.31 -13.88
N LEU A 138 6.82 1.58 -13.73
CA LEU A 138 6.65 2.53 -14.81
C LEU A 138 7.65 2.28 -15.94
N ARG A 139 8.90 1.99 -15.59
CA ARG A 139 9.92 1.74 -16.60
C ARG A 139 9.70 0.43 -17.37
N ALA A 140 9.32 -0.62 -16.66
CA ALA A 140 9.08 -1.91 -17.30
C ALA A 140 7.93 -1.84 -18.31
N THR A 141 6.97 -0.95 -18.07
CA THR A 141 5.83 -0.80 -18.96
C THR A 141 5.98 0.40 -19.89
N GLY A 142 7.18 1.00 -19.90
CA GLY A 142 7.45 2.15 -20.74
C GLY A 142 6.46 3.27 -20.53
N THR A 143 6.12 3.52 -19.27
CA THR A 143 5.14 4.54 -18.91
C THR A 143 5.73 5.87 -18.41
N GLU A 144 5.21 6.96 -18.96
CA GLU A 144 5.63 8.30 -18.58
C GLU A 144 4.35 9.02 -18.15
N PRO A 145 4.12 9.15 -16.83
CA PRO A 145 2.90 9.84 -16.40
C PRO A 145 2.84 11.27 -16.86
N ASP A 146 1.62 11.75 -17.11
CA ASP A 146 1.40 13.14 -17.52
C ASP A 146 2.04 13.97 -16.40
N GLY A 147 2.95 14.86 -16.76
CA GLY A 147 3.60 15.68 -15.75
C GLY A 147 4.93 15.10 -15.29
N GLY A 148 5.29 13.94 -15.80
CA GLY A 148 6.56 13.32 -15.43
C GLY A 148 6.54 12.33 -14.27
N VAL A 149 7.53 11.43 -14.25
CA VAL A 149 7.65 10.41 -13.22
C VAL A 149 7.82 10.92 -11.79
N GLU A 150 8.82 11.76 -11.57
CA GLU A 150 9.05 12.25 -10.23
C GLU A 150 7.89 13.07 -9.67
N ALA A 151 7.25 13.90 -10.48
CA ALA A 151 6.11 14.65 -9.97
C ALA A 151 5.02 13.66 -9.56
N PHE A 152 4.88 12.59 -10.33
CA PHE A 152 3.89 11.54 -10.06
C PHE A 152 4.16 10.80 -8.74
N LEU A 153 5.43 10.47 -8.51
CA LEU A 153 5.82 9.73 -7.30
C LEU A 153 5.97 10.54 -6.02
N ASP A 154 6.07 11.87 -6.14
CA ASP A 154 6.14 12.75 -4.96
C ASP A 154 4.65 12.95 -4.72
N CYS A 155 4.06 12.01 -4.01
CA CYS A 155 2.63 12.02 -3.83
C CYS A 155 2.05 12.10 -2.41
N GLU A 156 0.99 11.33 -2.19
CA GLU A 156 0.28 11.32 -0.90
C GLU A 156 0.20 9.94 -0.27
N PRO A 157 1.33 9.40 0.19
CA PRO A 157 1.30 8.08 0.80
C PRO A 157 0.61 8.05 2.15
N LEU A 158 0.16 6.86 2.53
CA LEU A 158 -0.49 6.65 3.82
C LEU A 158 0.02 5.33 4.36
N LEU A 159 0.56 5.37 5.58
CA LEU A 159 1.06 4.16 6.23
C LEU A 159 0.14 3.85 7.40
N ARG A 160 -0.36 2.62 7.43
CA ARG A 160 -1.24 2.19 8.50
C ARG A 160 -0.70 0.92 9.15
N PHE A 161 -0.55 0.97 10.46
CA PHE A 161 -0.07 -0.19 11.20
C PHE A 161 -1.22 -0.66 12.07
N ARG A 162 -1.51 -1.95 12.03
CA ARG A 162 -2.60 -2.50 12.83
C ARG A 162 -2.15 -3.68 13.68
N TYR A 163 -2.55 -3.63 14.95
CA TYR A 163 -2.23 -4.67 15.91
C TYR A 163 -3.53 -5.33 16.36
N PHE A 164 -3.65 -6.64 16.10
CA PHE A 164 -4.84 -7.38 16.46
C PHE A 164 -4.72 -8.07 17.83
N PRO A 165 -5.84 -8.61 18.34
CA PRO A 165 -5.85 -9.30 19.63
C PRO A 165 -5.37 -10.74 19.54
N LEU A 178 -16.08 -13.96 7.38
CA LEU A 178 -14.63 -13.63 7.21
C LEU A 178 -14.27 -12.40 8.04
N ARG A 179 -13.16 -11.75 7.68
CA ARG A 179 -12.70 -10.56 8.37
C ARG A 179 -12.77 -9.33 7.45
N MET A 180 -12.33 -9.51 6.21
CA MET A 180 -12.34 -8.43 5.22
C MET A 180 -12.80 -8.93 3.86
N ALA A 181 -13.84 -8.29 3.32
CA ALA A 181 -14.39 -8.66 2.02
C ALA A 181 -13.37 -8.45 0.91
N PRO A 182 -13.51 -9.18 -0.20
CA PRO A 182 -12.61 -9.09 -1.35
C PRO A 182 -12.64 -7.70 -1.97
N HIS A 183 -11.46 -7.14 -2.23
CA HIS A 183 -11.35 -5.81 -2.82
C HIS A 183 -10.00 -5.66 -3.50
N TYR A 184 -9.87 -4.60 -4.28
CA TYR A 184 -8.61 -4.28 -4.91
C TYR A 184 -8.26 -2.90 -4.36
N ASP A 185 -6.99 -2.54 -4.39
CA ASP A 185 -6.59 -1.25 -3.85
C ASP A 185 -6.60 -0.21 -4.96
N LEU A 186 -6.82 1.04 -4.58
CA LEU A 186 -6.85 2.13 -5.55
C LEU A 186 -5.55 2.93 -5.51
N SER A 187 -4.51 2.31 -4.98
CA SER A 187 -3.19 2.95 -4.89
C SER A 187 -2.42 2.68 -6.18
N MET A 188 -1.20 3.22 -6.26
CA MET A 188 -0.33 2.96 -7.41
C MET A 188 0.19 1.56 -7.05
N VAL A 189 0.85 1.47 -5.89
CA VAL A 189 1.30 0.20 -5.33
C VAL A 189 1.05 0.27 -3.83
N THR A 190 0.92 -0.90 -3.21
CA THR A 190 0.68 -1.00 -1.78
C THR A 190 1.73 -1.97 -1.25
N LEU A 191 2.50 -1.55 -0.24
CA LEU A 191 3.52 -2.42 0.36
C LEU A 191 3.01 -2.96 1.68
N ILE A 192 3.11 -4.27 1.85
CA ILE A 192 2.62 -4.90 3.06
C ILE A 192 3.66 -5.78 3.78
N GLN A 193 3.77 -5.58 5.09
CA GLN A 193 4.67 -6.35 5.93
C GLN A 193 3.78 -6.90 7.04
N GLN A 194 4.07 -8.13 7.47
CA GLN A 194 3.28 -8.77 8.51
C GLN A 194 4.20 -9.53 9.46
N THR A 195 3.61 -10.04 10.54
CA THR A 195 4.34 -10.85 11.50
C THR A 195 3.65 -12.21 11.55
N PHE A 201 -0.63 -20.11 10.51
CA PHE A 201 -1.86 -19.72 9.78
C PHE A 201 -1.64 -18.48 8.91
N VAL A 202 -2.05 -18.58 7.65
CA VAL A 202 -1.90 -17.48 6.69
C VAL A 202 -3.20 -16.69 6.57
N SER A 203 -3.18 -15.46 7.05
CA SER A 203 -4.33 -14.57 7.02
C SER A 203 -4.66 -14.03 5.64
N LEU A 204 -3.75 -13.24 5.10
CA LEU A 204 -3.92 -12.61 3.79
C LEU A 204 -3.95 -13.59 2.61
N GLN A 205 -4.90 -13.37 1.71
CA GLN A 205 -5.05 -14.20 0.52
C GLN A 205 -5.29 -13.27 -0.67
N ALA A 206 -4.76 -13.65 -1.82
CA ALA A 206 -4.94 -12.85 -3.02
C ALA A 206 -5.29 -13.75 -4.19
N GLU A 207 -6.08 -13.22 -5.11
CA GLU A 207 -6.48 -14.00 -6.28
C GLU A 207 -5.36 -14.10 -7.29
N VAL A 208 -4.97 -15.33 -7.61
CA VAL A 208 -3.92 -15.57 -8.59
C VAL A 208 -4.37 -16.71 -9.52
N GLY A 209 -4.43 -16.42 -10.81
CA GLY A 209 -4.84 -17.44 -11.76
C GLY A 209 -6.25 -17.95 -11.50
N GLY A 210 -7.10 -17.09 -10.97
CA GLY A 210 -8.48 -17.48 -10.69
C GLY A 210 -8.71 -18.25 -9.41
N ALA A 211 -7.93 -17.95 -8.37
CA ALA A 211 -8.08 -18.64 -7.10
C ALA A 211 -7.31 -17.89 -6.01
N PHE A 212 -7.91 -17.78 -4.83
CA PHE A 212 -7.29 -17.08 -3.72
C PHE A 212 -6.14 -17.88 -3.12
N THR A 213 -4.92 -17.36 -3.30
CA THR A 213 -3.71 -17.99 -2.81
C THR A 213 -3.23 -17.37 -1.51
N ASP A 214 -2.48 -18.14 -0.73
CA ASP A 214 -1.94 -17.68 0.55
C ASP A 214 -0.78 -16.72 0.32
N LEU A 215 -0.68 -15.72 1.19
CA LEU A 215 0.40 -14.75 1.11
C LEU A 215 1.05 -14.66 2.48
N PRO A 216 1.82 -15.69 2.85
CA PRO A 216 2.53 -15.80 4.13
C PRO A 216 3.61 -14.74 4.28
N TYR A 217 4.12 -14.60 5.50
CA TYR A 217 5.16 -13.62 5.77
C TYR A 217 6.50 -14.11 5.22
N ARG A 218 7.35 -13.15 4.92
CA ARG A 218 8.70 -13.37 4.40
C ARG A 218 9.54 -12.34 5.13
N PRO A 219 10.19 -12.70 6.24
CA PRO A 219 11.00 -11.75 6.99
C PRO A 219 12.02 -11.02 6.13
N ASP A 220 12.34 -11.59 4.98
CA ASP A 220 13.32 -11.00 4.08
C ASP A 220 12.72 -10.16 2.96
N ALA A 221 11.40 -10.09 2.89
CA ALA A 221 10.76 -9.35 1.82
C ALA A 221 9.45 -8.65 2.19
N VAL A 222 9.03 -7.74 1.33
CA VAL A 222 7.78 -7.02 1.51
C VAL A 222 6.85 -7.47 0.42
N LEU A 223 5.56 -7.62 0.75
CA LEU A 223 4.57 -8.03 -0.25
C LEU A 223 4.06 -6.81 -0.97
N VAL A 224 4.06 -6.86 -2.30
CA VAL A 224 3.60 -5.73 -3.09
C VAL A 224 2.32 -6.02 -3.89
N PHE A 225 1.28 -5.23 -3.65
CA PHE A 225 0.03 -5.35 -4.39
C PHE A 225 -0.01 -4.16 -5.34
N CYS A 226 -0.25 -4.39 -6.62
CA CYS A 226 -0.37 -3.29 -7.55
C CYS A 226 -1.79 -2.82 -7.37
N GLY A 227 -1.99 -1.50 -7.48
CA GLY A 227 -3.33 -0.95 -7.33
C GLY A 227 -3.91 -0.43 -8.63
N ALA A 228 -5.15 0.04 -8.59
CA ALA A 228 -5.82 0.51 -9.79
C ALA A 228 -5.11 1.67 -10.48
N ILE A 229 -4.38 2.48 -9.72
CA ILE A 229 -3.67 3.60 -10.35
C ILE A 229 -2.53 3.08 -11.23
N ALA A 230 -1.96 1.93 -10.88
CA ALA A 230 -0.88 1.37 -11.70
C ALA A 230 -1.55 0.93 -13.01
N THR A 231 -2.73 0.32 -12.89
CA THR A 231 -3.46 -0.10 -14.07
C THR A 231 -3.74 1.10 -14.97
N LEU A 232 -4.30 2.14 -14.38
CA LEU A 232 -4.64 3.35 -15.13
C LEU A 232 -3.47 4.07 -15.77
N VAL A 233 -2.45 4.40 -14.99
CA VAL A 233 -1.31 5.14 -15.52
C VAL A 233 -0.57 4.42 -16.64
N THR A 234 -0.46 3.09 -16.54
CA THR A 234 0.25 2.31 -17.55
C THR A 234 -0.66 1.90 -18.72
N GLY A 235 -1.88 2.44 -18.75
CA GLY A 235 -2.77 2.10 -19.84
C GLY A 235 -3.27 0.66 -19.82
N GLY A 236 -3.38 0.08 -18.63
CA GLY A 236 -3.87 -1.28 -18.50
C GLY A 236 -2.83 -2.38 -18.61
N GLN A 237 -1.56 -2.04 -18.43
CA GLN A 237 -0.50 -3.03 -18.52
C GLN A 237 -0.23 -3.71 -17.19
N VAL A 238 -0.92 -3.26 -16.16
CA VAL A 238 -0.75 -3.79 -14.83
C VAL A 238 -2.09 -4.19 -14.22
N LYS A 239 -2.13 -5.39 -13.66
CA LYS A 239 -3.34 -5.90 -13.03
C LYS A 239 -3.39 -5.46 -11.58
N ALA A 240 -4.61 -5.21 -11.09
CA ALA A 240 -4.84 -4.81 -9.70
C ALA A 240 -5.59 -5.99 -9.09
N PRO A 241 -4.86 -6.95 -8.49
CA PRO A 241 -5.43 -8.14 -7.88
C PRO A 241 -6.33 -7.97 -6.67
N ARG A 242 -7.44 -8.70 -6.67
CA ARG A 242 -8.38 -8.69 -5.55
C ARG A 242 -7.75 -9.49 -4.43
N HIS A 243 -8.04 -9.12 -3.19
CA HIS A 243 -7.51 -9.83 -2.04
C HIS A 243 -8.40 -9.62 -0.83
N HIS A 244 -8.16 -10.39 0.23
CA HIS A 244 -8.95 -10.28 1.45
C HIS A 244 -8.31 -11.04 2.60
N VAL A 245 -8.96 -10.99 3.76
CA VAL A 245 -8.46 -11.67 4.95
C VAL A 245 -9.27 -12.93 5.23
N ALA A 246 -8.61 -14.08 5.17
CA ALA A 246 -9.27 -15.36 5.42
C ALA A 246 -9.45 -15.63 6.91
N ALA A 247 -10.45 -16.43 7.25
CA ALA A 247 -10.73 -16.78 8.64
C ALA A 247 -9.88 -17.97 9.06
N SER A 257 -3.11 -13.73 17.43
CA SER A 257 -2.72 -12.31 17.25
C SER A 257 -1.81 -12.13 16.04
N ARG A 258 -1.74 -10.91 15.53
CA ARG A 258 -0.92 -10.62 14.37
C ARG A 258 -0.95 -9.12 14.08
N THR A 259 0.10 -8.62 13.43
CA THR A 259 0.18 -7.21 13.08
C THR A 259 0.42 -7.09 11.60
N SER A 260 0.00 -5.98 11.01
CA SER A 260 0.21 -5.75 9.59
C SER A 260 0.53 -4.28 9.40
N SER A 261 1.45 -4.02 8.48
CA SER A 261 1.86 -2.67 8.15
C SER A 261 1.52 -2.50 6.69
N VAL A 262 0.57 -1.61 6.39
CA VAL A 262 0.15 -1.38 5.01
C VAL A 262 0.52 0.03 4.56
N PHE A 263 1.28 0.11 3.48
CA PHE A 263 1.72 1.40 2.95
C PHE A 263 1.13 1.67 1.58
N PHE A 264 0.21 2.62 1.52
CA PHE A 264 -0.43 3.01 0.27
C PHE A 264 0.32 4.13 -0.41
N LEU A 265 0.83 3.88 -1.62
CA LEU A 265 1.49 4.93 -2.40
C LEU A 265 0.32 5.45 -3.25
N ARG A 266 -0.24 6.59 -2.87
CA ARG A 266 -1.38 7.17 -3.58
C ARG A 266 -1.00 8.44 -4.36
N PRO A 267 -1.57 8.61 -5.56
CA PRO A 267 -1.24 9.80 -6.37
C PRO A 267 -1.78 11.09 -5.78
N ASN A 268 -1.29 12.22 -6.30
CA ASN A 268 -1.75 13.53 -5.87
C ASN A 268 -3.13 13.74 -6.48
N ALA A 269 -3.89 14.65 -5.88
CA ALA A 269 -5.23 14.95 -6.36
C ALA A 269 -5.21 15.40 -7.82
N ASP A 270 -4.16 16.10 -8.21
CA ASP A 270 -4.07 16.60 -9.58
C ASP A 270 -3.47 15.64 -10.61
N PHE A 271 -3.20 14.39 -10.21
CA PHE A 271 -2.68 13.41 -11.17
C PHE A 271 -3.68 13.40 -12.32
N THR A 272 -3.17 13.55 -13.54
CA THR A 272 -4.02 13.63 -14.72
C THR A 272 -3.85 12.46 -15.66
N PHE A 273 -4.94 12.06 -16.30
CA PHE A 273 -4.92 10.92 -17.21
C PHE A 273 -5.94 11.06 -18.34
N SER A 274 -5.78 10.23 -19.37
CA SER A 274 -6.67 10.25 -20.50
C SER A 274 -7.95 9.46 -20.22
N VAL A 275 -9.10 10.10 -20.40
CA VAL A 275 -10.38 9.47 -20.15
C VAL A 275 -10.62 8.29 -21.10
N PRO A 276 -10.43 8.50 -22.42
CA PRO A 276 -10.64 7.41 -23.38
C PRO A 276 -9.73 6.23 -23.02
N LEU A 277 -8.50 6.51 -22.60
CA LEU A 277 -7.57 5.45 -22.23
C LEU A 277 -8.10 4.70 -20.99
N ALA A 278 -8.64 5.46 -20.03
CA ALA A 278 -9.18 4.84 -18.82
C ALA A 278 -10.28 3.87 -19.20
N ARG A 279 -11.15 4.28 -20.12
CA ARG A 279 -12.25 3.44 -20.58
C ARG A 279 -11.74 2.18 -21.28
N GLU A 280 -10.60 2.30 -21.96
CA GLU A 280 -10.01 1.16 -22.67
C GLU A 280 -9.54 0.02 -21.77
N CYS A 281 -9.17 0.32 -20.53
CA CYS A 281 -8.72 -0.77 -19.66
C CYS A 281 -9.67 -1.19 -18.56
N GLY A 282 -10.96 -0.86 -18.70
CA GLY A 282 -11.93 -1.30 -17.72
C GLY A 282 -12.57 -0.31 -16.77
N PHE A 283 -12.04 0.91 -16.70
CA PHE A 283 -12.60 1.89 -15.77
C PHE A 283 -13.95 2.39 -16.27
N ASP A 284 -14.98 2.19 -15.47
CA ASP A 284 -16.35 2.60 -15.80
C ASP A 284 -16.54 4.07 -15.43
N VAL A 285 -15.74 4.93 -16.05
CA VAL A 285 -15.78 6.34 -15.76
C VAL A 285 -16.96 7.12 -16.34
N SER A 286 -17.43 8.06 -15.54
CA SER A 286 -18.52 8.96 -15.89
C SER A 286 -17.86 10.34 -15.91
N LEU A 287 -16.93 10.53 -16.84
CA LEU A 287 -16.20 11.78 -16.96
C LEU A 287 -16.36 12.39 -18.34
N ASP A 288 -16.81 13.64 -18.39
CA ASP A 288 -16.97 14.33 -19.67
C ASP A 288 -15.60 14.89 -20.05
N GLY A 289 -15.29 14.93 -21.34
CA GLY A 289 -14.00 15.45 -21.72
C GLY A 289 -12.96 14.37 -21.97
N GLU A 290 -11.80 14.79 -22.48
CA GLU A 290 -10.72 13.88 -22.82
C GLU A 290 -9.67 13.64 -21.74
N THR A 291 -9.63 14.52 -20.74
CA THR A 291 -8.65 14.38 -19.67
C THR A 291 -9.34 14.60 -18.32
N ALA A 292 -8.80 14.01 -17.27
CA ALA A 292 -9.39 14.16 -15.93
C ALA A 292 -8.33 13.97 -14.86
N THR A 293 -8.64 14.38 -13.64
CA THR A 293 -7.68 14.22 -12.55
C THR A 293 -8.16 13.12 -11.61
N PHE A 294 -7.29 12.72 -10.70
CA PHE A 294 -7.62 11.71 -9.73
C PHE A 294 -8.80 12.23 -8.92
N GLN A 295 -8.77 13.52 -8.60
CA GLN A 295 -9.84 14.15 -7.83
C GLN A 295 -11.16 14.08 -8.62
N ASP A 296 -11.10 14.32 -9.93
CA ASP A 296 -12.33 14.27 -10.74
C ASP A 296 -12.93 12.88 -10.67
N TRP A 297 -12.07 11.88 -10.74
CA TRP A 297 -12.50 10.49 -10.74
C TRP A 297 -12.99 9.92 -9.41
N ILE A 298 -12.17 10.05 -8.38
CA ILE A 298 -12.51 9.49 -7.07
C ILE A 298 -13.27 10.43 -6.14
N GLY A 299 -13.19 11.72 -6.40
CA GLY A 299 -13.90 12.66 -5.54
C GLY A 299 -12.96 13.43 -4.62
N GLY A 300 -13.54 14.13 -3.65
CA GLY A 300 -12.76 14.93 -2.74
C GLY A 300 -12.15 14.28 -1.53
N ASN A 301 -12.39 12.98 -1.35
CA ASN A 301 -11.81 12.28 -0.22
C ASN A 301 -11.11 11.03 -0.75
N TYR A 302 -9.88 10.78 -0.28
CA TYR A 302 -9.18 9.60 -0.75
C TYR A 302 -10.00 8.36 -0.44
N VAL A 303 -10.02 7.43 -1.39
CA VAL A 303 -10.70 6.14 -1.24
C VAL A 303 -9.56 5.18 -1.55
N ASN A 304 -9.20 4.35 -0.58
CA ASN A 304 -8.08 3.42 -0.74
C ASN A 304 -8.39 2.06 -1.35
N ILE A 305 -9.64 1.62 -1.22
CA ILE A 305 -10.04 0.32 -1.75
C ILE A 305 -11.41 0.34 -2.42
N ARG A 306 -11.67 -0.69 -3.21
CA ARG A 306 -12.94 -0.83 -3.89
C ARG A 306 -13.27 -2.32 -3.87
N ARG A 307 -14.43 -2.65 -3.31
CA ARG A 307 -14.83 -4.05 -3.22
C ARG A 307 -15.09 -4.63 -4.59
N ALA A 308 -14.78 -5.93 -4.74
CA ALA A 308 -14.97 -6.63 -6.00
C ALA A 308 -15.53 -8.03 -5.76
FE FE2 B . -5.95 -3.84 0.21
C1 SIN C . -5.15 -5.30 2.77
O1 SIN C . -6.13 -4.77 2.26
O2 SIN C . -4.17 -5.62 2.11
C2 SIN C . -5.19 -5.59 4.27
C3 SIN C . -5.29 -4.28 5.01
C4 SIN C . -6.22 -4.48 6.20
O3 SIN C . -5.80 -4.31 7.35
O4 SIN C . -7.38 -4.80 6.00
C CO2 D . -6.98 -1.85 2.71
O1 CO2 D . -7.51 -1.32 3.72
O2 CO2 D . -6.45 -2.37 1.71
#